data_1U7V
#
_entry.id   1U7V
#
_cell.length_a   49.240
_cell.length_b   59.951
_cell.length_c   207.418
_cell.angle_alpha   90.00
_cell.angle_beta   90.00
_cell.angle_gamma   90.00
#
_symmetry.space_group_name_H-M   'P 21 21 21'
#
loop_
_entity.id
_entity.type
_entity.pdbx_description
1 polymer 'Mothers against decapentaplegic homolog 2'
2 polymer 'Mothers against decapentaplegic homolog 4'
#
loop_
_entity_poly.entity_id
_entity_poly.type
_entity_poly.pdbx_seq_one_letter_code
_entity_poly.pdbx_strand_id
1 'polypeptide(L)'
;EPAFWCSIAYYELNQRVGETFHASQPSLTVDGFTDPSNSERFCLGLLSNVNRNATVEMTRRHIGRGVRLYYIGGEVFAEC
LSDSAIFVQSPNCNQRYGWHPATVCKIPPGCNLKIFNNQEFAALLAQSVNQGFEAVYQLTRMCTIRMSFVKGWGAEYRRQ
TVTSTPCWIELHLNGPLQWLDKVLTQMGSPSVRCS(SEP)M(SEP)
;
A,C
2 'polypeptide(L)'
;ISNHPAPEYWCSIAYFEMDVQVGETFKVPSSCPIVTVDGYVDPSGGDRFCLGQLSNVHRTEAIERARLHIGKGVQLECKG
EGDVWVRCLSDHAVFVQSYYLDREAGRAPGDAVHKIYPSAYIKVFDLRQCHRQMQQQAATAQAAAAAQAAAVAGNIPGPG
SVGGIAPAISLSAAAGIGVDDLRRLCILRMSFVKGWGPDYPRQSIKETPCWIEIHLHRALQLLDEVLHTMPIADPQ
;
B
#
# COMPACT_ATOMS: atom_id res chain seq x y z
N GLU A 1 -19.58 -16.88 -5.55
CA GLU A 1 -18.96 -16.70 -4.20
C GLU A 1 -17.46 -16.44 -4.32
N PRO A 2 -17.00 -15.27 -3.83
CA PRO A 2 -15.60 -14.80 -3.85
C PRO A 2 -14.56 -15.74 -3.21
N ALA A 3 -13.32 -15.65 -3.71
CA ALA A 3 -12.22 -16.47 -3.18
C ALA A 3 -12.00 -16.09 -1.71
N PHE A 4 -11.94 -14.79 -1.45
CA PHE A 4 -11.76 -14.29 -0.10
C PHE A 4 -13.10 -13.72 0.30
N TRP A 5 -13.64 -14.19 1.43
CA TRP A 5 -14.92 -13.65 1.87
C TRP A 5 -14.77 -12.25 2.50
N CYS A 6 -13.53 -11.80 2.70
CA CYS A 6 -13.31 -10.48 3.27
C CYS A 6 -11.85 -10.06 3.22
N SER A 7 -11.65 -8.77 3.41
CA SER A 7 -10.32 -8.19 3.40
C SER A 7 -10.26 -7.32 4.65
N ILE A 8 -9.14 -7.40 5.37
CA ILE A 8 -8.91 -6.63 6.59
C ILE A 8 -7.72 -5.66 6.48
N ALA A 9 -7.97 -4.43 6.91
CA ALA A 9 -6.96 -3.38 6.89
C ALA A 9 -6.67 -2.93 8.31
N TYR A 10 -5.39 -2.93 8.69
CA TYR A 10 -4.96 -2.53 10.03
C TYR A 10 -4.57 -1.04 10.05
N TYR A 11 -4.92 -0.37 11.15
CA TYR A 11 -4.68 1.08 11.33
C TYR A 11 -4.19 1.34 12.74
N GLU A 12 -3.41 2.42 12.88
CA GLU A 12 -2.89 2.86 14.16
C GLU A 12 -3.22 4.35 14.17
N LEU A 13 -4.33 4.66 14.83
CA LEU A 13 -4.85 6.00 14.92
C LEU A 13 -5.51 6.32 13.58
N ASN A 14 -5.03 7.34 12.87
CA ASN A 14 -5.61 7.69 11.57
C ASN A 14 -4.64 7.30 10.45
N GLN A 15 -3.78 6.32 10.73
CA GLN A 15 -2.84 5.85 9.72
C GLN A 15 -2.90 4.35 9.37
N ARG A 16 -2.83 4.06 8.08
CA ARG A 16 -2.85 2.68 7.58
C ARG A 16 -1.48 2.08 7.87
N VAL A 17 -1.46 0.89 8.46
CA VAL A 17 -0.20 0.22 8.79
C VAL A 17 -0.25 -1.22 8.32
N GLY A 18 0.77 -1.61 7.56
CA GLY A 18 0.84 -2.95 7.03
C GLY A 18 0.04 -3.11 5.74
N GLU A 19 0.12 -4.28 5.14
CA GLU A 19 -0.60 -4.53 3.88
C GLU A 19 -2.01 -4.99 4.20
N THR A 20 -2.85 -5.04 3.16
CA THR A 20 -4.24 -5.47 3.30
C THR A 20 -4.23 -6.96 3.31
N PHE A 21 -5.00 -7.55 4.23
CA PHE A 21 -5.05 -9.00 4.38
C PHE A 21 -6.33 -9.55 3.83
N HIS A 22 -6.21 -10.57 2.98
CA HIS A 22 -7.36 -11.22 2.35
C HIS A 22 -7.56 -12.62 2.89
N ALA A 23 -8.72 -12.83 3.52
CA ALA A 23 -9.08 -14.12 4.13
C ALA A 23 -9.67 -15.10 3.14
N SER A 24 -9.02 -16.25 3.01
CA SER A 24 -9.49 -17.28 2.10
C SER A 24 -10.23 -18.38 2.86
N GLN A 25 -9.77 -18.71 4.07
CA GLN A 25 -10.39 -19.75 4.90
C GLN A 25 -11.59 -19.17 5.65
N PRO A 26 -12.52 -20.03 6.08
CA PRO A 26 -13.71 -19.58 6.82
C PRO A 26 -13.34 -19.11 8.22
N SER A 27 -12.08 -19.27 8.57
CA SER A 27 -11.58 -18.87 9.87
C SER A 27 -10.22 -18.17 9.84
N LEU A 28 -10.12 -17.06 10.57
CA LEU A 28 -8.86 -16.36 10.66
C LEU A 28 -8.83 -15.58 11.96
N THR A 29 -7.66 -15.43 12.53
CA THR A 29 -7.56 -14.67 13.77
C THR A 29 -6.67 -13.47 13.50
N VAL A 30 -7.06 -12.30 14.01
CA VAL A 30 -6.23 -11.11 13.90
C VAL A 30 -5.62 -10.92 15.30
N ASP A 31 -4.38 -11.37 15.47
CA ASP A 31 -3.70 -11.26 16.77
C ASP A 31 -2.51 -10.32 16.72
N GLY A 32 -1.85 -10.15 17.86
CA GLY A 32 -0.72 -9.25 17.94
C GLY A 32 0.59 -9.98 17.93
N PHE A 33 0.61 -11.18 17.35
CA PHE A 33 1.84 -11.95 17.31
C PHE A 33 2.66 -11.76 16.04
N THR A 34 3.59 -12.66 15.73
CA THR A 34 4.45 -12.43 14.57
C THR A 34 4.60 -13.42 13.41
N ASP A 35 3.62 -14.31 13.23
CA ASP A 35 3.74 -15.22 12.11
C ASP A 35 3.37 -14.52 10.80
N PRO A 36 4.33 -14.40 9.88
CA PRO A 36 4.09 -13.74 8.60
C PRO A 36 3.47 -14.54 7.48
N SER A 37 3.45 -15.87 7.60
CA SER A 37 2.90 -16.68 6.52
C SER A 37 1.82 -17.68 6.95
N ASN A 38 0.74 -17.18 7.55
CA ASN A 38 -0.37 -18.06 7.95
C ASN A 38 -1.69 -17.51 7.37
N SER A 39 -2.26 -18.25 6.44
CA SER A 39 -3.51 -17.84 5.79
C SER A 39 -4.66 -17.81 6.78
N GLU A 40 -4.40 -18.20 8.02
CA GLU A 40 -5.45 -18.19 9.05
C GLU A 40 -5.16 -17.14 10.11
N ARG A 41 -3.99 -16.51 10.03
CA ARG A 41 -3.59 -15.50 11.01
C ARG A 41 -3.06 -14.23 10.39
N PHE A 42 -3.68 -13.12 10.77
CA PHE A 42 -3.26 -11.80 10.32
C PHE A 42 -2.47 -11.28 11.53
N CYS A 43 -1.18 -11.60 11.58
CA CYS A 43 -0.34 -11.14 12.68
C CYS A 43 0.07 -9.65 12.57
N LEU A 44 -0.42 -8.84 13.50
CA LEU A 44 -0.13 -7.41 13.57
C LEU A 44 1.16 -7.19 14.34
N GLY A 45 1.57 -8.19 15.12
CA GLY A 45 2.79 -8.04 15.89
C GLY A 45 4.08 -7.77 15.13
N LEU A 46 4.14 -8.17 13.85
CA LEU A 46 5.32 -7.99 13.00
C LEU A 46 5.28 -6.66 12.22
N LEU A 47 4.09 -6.10 12.09
CA LEU A 47 3.93 -4.84 11.38
C LEU A 47 4.70 -3.71 12.07
N SER A 48 5.41 -2.91 11.28
CA SER A 48 6.12 -1.78 11.85
C SER A 48 5.52 -0.43 11.42
N ASN A 49 5.65 0.56 12.29
CA ASN A 49 5.15 1.91 11.99
C ASN A 49 6.15 2.93 12.55
N VAL A 50 6.88 3.60 11.65
CA VAL A 50 7.92 4.55 12.07
C VAL A 50 7.38 5.68 12.91
N ASN A 51 6.12 6.03 12.70
CA ASN A 51 5.49 7.12 13.43
C ASN A 51 4.69 6.68 14.62
N ARG A 52 4.93 5.45 15.05
CA ARG A 52 4.26 4.84 16.21
C ARG A 52 4.65 5.53 17.49
N ASN A 53 3.66 5.94 18.27
CA ASN A 53 3.90 6.55 19.58
C ASN A 53 3.87 5.51 20.72
N ALA A 54 4.01 6.00 21.94
CA ALA A 54 3.99 5.14 23.14
C ALA A 54 2.68 4.39 23.36
N THR A 55 1.56 5.09 23.33
CA THR A 55 0.27 4.46 23.58
C THR A 55 -0.06 3.29 22.61
N VAL A 56 0.26 3.47 21.33
CA VAL A 56 0.04 2.40 20.37
C VAL A 56 0.97 1.21 20.73
N GLU A 57 2.25 1.51 20.94
CA GLU A 57 3.20 0.47 21.32
C GLU A 57 2.76 -0.28 22.58
N MET A 58 2.07 0.39 23.50
CA MET A 58 1.56 -0.27 24.70
C MET A 58 0.31 -1.13 24.40
N THR A 59 -0.62 -0.57 23.62
CA THR A 59 -1.83 -1.32 23.29
C THR A 59 -1.53 -2.57 22.47
N ARG A 60 -0.48 -2.51 21.66
CA ARG A 60 -0.14 -3.65 20.81
C ARG A 60 0.32 -4.83 21.67
N ARG A 61 0.69 -4.53 22.90
CA ARG A 61 1.14 -5.57 23.83
C ARG A 61 -0.05 -6.33 24.45
N HIS A 62 -1.22 -5.69 24.40
CA HIS A 62 -2.39 -6.34 24.95
C HIS A 62 -3.37 -6.93 23.95
N ILE A 63 -3.01 -6.95 22.67
CA ILE A 63 -3.86 -7.51 21.64
C ILE A 63 -3.89 -9.00 21.89
N GLY A 64 -2.73 -9.56 22.22
CA GLY A 64 -2.62 -10.98 22.51
C GLY A 64 -3.14 -11.85 21.39
N ARG A 65 -3.96 -12.83 21.75
CA ARG A 65 -4.55 -13.73 20.76
C ARG A 65 -5.54 -13.02 19.85
N GLY A 66 -5.81 -11.75 20.16
CA GLY A 66 -6.66 -10.92 19.34
C GLY A 66 -8.11 -11.29 19.19
N VAL A 67 -8.60 -11.25 17.95
CA VAL A 67 -10.00 -11.58 17.68
C VAL A 67 -10.10 -12.72 16.68
N ARG A 68 -11.11 -13.55 16.84
CA ARG A 68 -11.28 -14.64 15.92
C ARG A 68 -12.56 -14.36 15.15
N LEU A 69 -12.44 -14.41 13.82
CA LEU A 69 -13.55 -14.15 12.93
C LEU A 69 -14.04 -15.46 12.29
N TYR A 70 -15.35 -15.69 12.33
CA TYR A 70 -15.95 -16.88 11.74
C TYR A 70 -16.93 -16.54 10.63
N TYR A 71 -17.00 -17.43 9.64
CA TYR A 71 -17.94 -17.27 8.55
C TYR A 71 -18.70 -18.59 8.47
N ILE A 72 -19.71 -18.72 9.33
CA ILE A 72 -20.53 -19.91 9.44
C ILE A 72 -21.85 -19.70 8.70
N GLY A 73 -22.01 -20.44 7.62
CA GLY A 73 -23.21 -20.33 6.82
C GLY A 73 -23.22 -19.02 6.08
N GLY A 74 -24.04 -18.10 6.57
CA GLY A 74 -24.12 -16.80 5.96
C GLY A 74 -24.01 -15.72 7.01
N GLU A 75 -23.31 -16.03 8.09
CA GLU A 75 -23.12 -15.10 9.19
C GLU A 75 -21.65 -15.01 9.58
N VAL A 76 -21.31 -13.93 10.28
CA VAL A 76 -19.95 -13.71 10.69
C VAL A 76 -19.95 -13.42 12.18
N PHE A 77 -19.06 -14.09 12.89
CA PHE A 77 -18.95 -13.90 14.32
C PHE A 77 -17.55 -13.40 14.73
N ALA A 78 -17.52 -12.61 15.78
CA ALA A 78 -16.25 -12.11 16.26
C ALA A 78 -16.10 -12.62 17.70
N GLU A 79 -14.99 -13.30 17.98
CA GLU A 79 -14.72 -13.83 19.32
C GLU A 79 -13.51 -13.15 19.92
N CYS A 80 -13.62 -12.73 21.18
CA CYS A 80 -12.50 -12.07 21.84
C CYS A 80 -11.54 -13.02 22.56
N LEU A 81 -10.46 -13.38 21.86
CA LEU A 81 -9.39 -14.23 22.38
C LEU A 81 -8.39 -13.42 23.22
N SER A 82 -8.47 -12.11 23.09
CA SER A 82 -7.60 -11.22 23.85
C SER A 82 -8.06 -11.08 25.30
N ASP A 83 -7.13 -10.95 26.24
CA ASP A 83 -7.50 -10.78 27.63
C ASP A 83 -8.03 -9.37 27.82
N SER A 84 -8.21 -8.63 26.72
CA SER A 84 -8.78 -7.27 26.80
C SER A 84 -9.96 -7.25 25.84
N ALA A 85 -11.00 -6.50 26.19
CA ALA A 85 -12.15 -6.39 25.32
C ALA A 85 -11.79 -5.82 23.94
N ILE A 86 -12.68 -6.07 22.99
CA ILE A 86 -12.59 -5.53 21.64
C ILE A 86 -13.89 -4.74 21.43
N PHE A 87 -13.87 -3.72 20.57
CA PHE A 87 -15.07 -2.91 20.34
C PHE A 87 -15.40 -2.87 18.86
N VAL A 88 -16.62 -3.30 18.54
CA VAL A 88 -17.05 -3.38 17.16
C VAL A 88 -18.18 -2.45 16.81
N GLN A 89 -18.13 -1.98 15.57
CA GLN A 89 -19.15 -1.09 15.05
C GLN A 89 -19.61 -1.71 13.73
N SER A 90 -20.65 -2.53 13.79
CA SER A 90 -21.18 -3.16 12.60
C SER A 90 -22.61 -2.68 12.41
N PRO A 91 -22.84 -1.87 11.37
CA PRO A 91 -24.18 -1.33 11.09
C PRO A 91 -25.22 -2.41 10.98
N ASN A 92 -24.84 -3.51 10.32
CA ASN A 92 -25.73 -4.65 10.11
C ASN A 92 -26.25 -5.22 11.43
N CYS A 93 -25.36 -5.28 12.41
CA CYS A 93 -25.66 -5.78 13.74
C CYS A 93 -26.46 -4.73 14.50
N ASN A 94 -25.94 -3.49 14.52
CA ASN A 94 -26.57 -2.38 15.23
C ASN A 94 -28.02 -2.22 14.86
N GLN A 95 -28.32 -2.30 13.57
CA GLN A 95 -29.69 -2.17 13.13
C GLN A 95 -30.54 -3.32 13.64
N ARG A 96 -29.98 -4.52 13.61
CA ARG A 96 -30.68 -5.70 14.08
C ARG A 96 -31.21 -5.54 15.51
N TYR A 97 -30.63 -4.62 16.28
CA TYR A 97 -31.06 -4.43 17.67
C TYR A 97 -31.58 -3.02 17.86
N GLY A 98 -31.66 -2.27 16.75
CA GLY A 98 -32.15 -0.91 16.82
C GLY A 98 -31.28 0.11 17.55
N TRP A 99 -29.98 0.16 17.21
CA TRP A 99 -29.05 1.10 17.83
C TRP A 99 -28.52 2.04 16.76
N HIS A 100 -28.31 3.30 17.12
CA HIS A 100 -27.78 4.28 16.20
C HIS A 100 -26.68 3.55 15.41
N PRO A 101 -26.82 3.45 14.08
CA PRO A 101 -25.84 2.77 13.22
C PRO A 101 -24.38 2.90 13.64
N ALA A 102 -24.04 4.01 14.31
CA ALA A 102 -22.67 4.24 14.78
C ALA A 102 -22.43 3.73 16.21
N THR A 103 -23.19 2.73 16.63
CA THR A 103 -23.06 2.16 17.96
C THR A 103 -21.83 1.28 18.03
N VAL A 104 -21.10 1.35 19.13
CA VAL A 104 -19.92 0.51 19.26
C VAL A 104 -20.22 -0.56 20.32
N CYS A 105 -20.20 -1.84 19.95
CA CYS A 105 -20.49 -2.93 20.91
C CYS A 105 -19.23 -3.44 21.54
N LYS A 106 -19.26 -3.60 22.85
CA LYS A 106 -18.10 -4.09 23.56
C LYS A 106 -18.22 -5.59 23.69
N ILE A 107 -17.17 -6.30 23.29
CA ILE A 107 -17.07 -7.77 23.39
C ILE A 107 -16.01 -8.12 24.44
N PRO A 108 -16.44 -8.45 25.66
CA PRO A 108 -15.47 -8.80 26.71
C PRO A 108 -14.65 -10.02 26.35
N PRO A 109 -13.51 -10.20 27.02
CA PRO A 109 -12.64 -11.34 26.76
C PRO A 109 -13.42 -12.64 26.88
N GLY A 110 -13.25 -13.53 25.91
CA GLY A 110 -13.95 -14.81 25.97
C GLY A 110 -15.32 -14.80 25.34
N CYS A 111 -15.91 -13.60 25.23
CA CYS A 111 -17.23 -13.44 24.64
C CYS A 111 -17.17 -13.42 23.11
N ASN A 112 -18.33 -13.53 22.48
CA ASN A 112 -18.46 -13.53 21.02
C ASN A 112 -19.73 -12.74 20.63
N LEU A 113 -19.89 -12.49 19.34
CA LEU A 113 -21.07 -11.73 18.91
C LEU A 113 -21.31 -11.92 17.41
N LYS A 114 -22.56 -12.01 16.99
CA LYS A 114 -22.87 -12.16 15.57
C LYS A 114 -22.74 -10.76 14.96
N ILE A 115 -21.60 -10.52 14.32
CA ILE A 115 -21.28 -9.23 13.74
C ILE A 115 -21.95 -8.93 12.41
N PHE A 116 -22.30 -9.96 11.67
CA PHE A 116 -22.95 -9.74 10.38
C PHE A 116 -23.85 -10.90 9.99
N ASN A 117 -24.89 -10.58 9.21
CA ASN A 117 -25.86 -11.56 8.69
C ASN A 117 -26.22 -11.29 7.21
N ASN A 118 -25.84 -12.20 6.31
CA ASN A 118 -26.12 -12.03 4.89
C ASN A 118 -27.59 -11.82 4.48
N GLN A 119 -28.49 -12.68 4.93
CA GLN A 119 -29.91 -12.57 4.55
C GLN A 119 -30.46 -11.23 4.95
N GLU A 120 -30.12 -10.77 6.15
CA GLU A 120 -30.56 -9.45 6.61
C GLU A 120 -30.14 -8.37 5.62
N PHE A 121 -28.85 -8.39 5.24
CA PHE A 121 -28.30 -7.41 4.31
C PHE A 121 -28.99 -7.50 2.94
N ALA A 122 -29.10 -8.72 2.42
CA ALA A 122 -29.74 -8.98 1.13
C ALA A 122 -31.12 -8.34 1.08
N ALA A 123 -31.85 -8.46 2.18
CA ALA A 123 -33.18 -7.88 2.29
C ALA A 123 -33.13 -6.36 2.24
N LEU A 124 -32.21 -5.77 3.01
CA LEU A 124 -32.04 -4.33 3.02
C LEU A 124 -31.69 -3.83 1.62
N LEU A 125 -30.90 -4.63 0.89
CA LEU A 125 -30.48 -4.27 -0.46
C LEU A 125 -31.68 -4.26 -1.39
N ALA A 126 -32.65 -5.13 -1.14
CA ALA A 126 -33.85 -5.26 -1.96
C ALA A 126 -34.83 -4.10 -1.80
N GLN A 127 -35.26 -3.86 -0.56
CA GLN A 127 -36.19 -2.78 -0.30
C GLN A 127 -35.56 -1.40 -0.47
N SER A 128 -34.43 -1.35 -1.17
CA SER A 128 -33.72 -0.09 -1.40
C SER A 128 -33.83 0.32 -2.87
N VAL A 129 -34.06 -0.67 -3.73
CA VAL A 129 -34.17 -0.41 -5.15
C VAL A 129 -35.27 0.62 -5.32
N ASN A 130 -36.02 0.84 -4.25
CA ASN A 130 -37.14 1.76 -4.24
C ASN A 130 -36.78 3.17 -3.80
N GLN A 131 -35.55 3.36 -3.36
CA GLN A 131 -35.14 4.67 -2.90
C GLN A 131 -34.18 5.44 -3.83
N GLY A 132 -33.66 4.76 -4.85
CA GLY A 132 -32.75 5.44 -5.77
C GLY A 132 -31.28 5.11 -5.61
N PHE A 133 -30.48 5.57 -6.57
CA PHE A 133 -29.04 5.33 -6.57
C PHE A 133 -28.42 5.68 -5.23
N GLU A 134 -28.62 6.93 -4.81
CA GLU A 134 -28.08 7.41 -3.55
C GLU A 134 -28.19 6.37 -2.44
N ALA A 135 -29.42 5.98 -2.15
CA ALA A 135 -29.68 5.01 -1.09
C ALA A 135 -28.84 3.73 -1.20
N VAL A 136 -28.73 3.18 -2.41
CA VAL A 136 -27.97 1.96 -2.63
C VAL A 136 -26.46 2.16 -2.44
N TYR A 137 -25.91 3.20 -3.05
CA TYR A 137 -24.49 3.47 -2.94
C TYR A 137 -24.05 3.47 -1.48
N GLN A 138 -24.92 3.98 -0.60
CA GLN A 138 -24.59 4.07 0.82
C GLN A 138 -24.69 2.75 1.56
N LEU A 139 -25.06 1.70 0.84
CA LEU A 139 -25.13 0.39 1.45
C LEU A 139 -23.73 -0.25 1.51
N THR A 140 -22.71 0.53 1.16
CA THR A 140 -21.34 0.00 1.17
C THR A 140 -20.85 0.02 2.61
N ARG A 141 -21.35 0.97 3.39
CA ARG A 141 -21.00 1.12 4.81
C ARG A 141 -21.49 -0.08 5.59
N MET A 142 -22.55 -0.70 5.07
CA MET A 142 -23.11 -1.87 5.68
C MET A 142 -22.16 -3.03 5.46
N CYS A 143 -21.35 -2.96 4.41
CA CYS A 143 -20.39 -4.01 4.07
C CYS A 143 -19.04 -3.85 4.76
N THR A 144 -18.93 -2.83 5.62
CA THR A 144 -17.69 -2.60 6.34
C THR A 144 -17.92 -2.62 7.85
N ILE A 145 -17.00 -3.24 8.56
CA ILE A 145 -17.12 -3.34 10.00
C ILE A 145 -15.79 -2.90 10.62
N ARG A 146 -15.83 -2.11 11.70
CA ARG A 146 -14.58 -1.65 12.33
C ARG A 146 -14.47 -2.13 13.77
N MET A 147 -13.29 -2.65 14.11
CA MET A 147 -13.03 -3.17 15.44
C MET A 147 -11.80 -2.48 15.99
N SER A 148 -11.80 -2.28 17.31
CA SER A 148 -10.74 -1.63 18.05
C SER A 148 -10.26 -2.54 19.18
N PHE A 149 -8.93 -2.68 19.29
CA PHE A 149 -8.33 -3.54 20.29
C PHE A 149 -8.06 -2.75 21.55
N VAL A 150 -8.40 -3.35 22.69
CA VAL A 150 -8.21 -2.78 24.02
C VAL A 150 -8.98 -1.49 24.39
N LYS A 151 -8.97 -0.53 23.50
CA LYS A 151 -9.59 0.75 23.78
C LYS A 151 -10.92 0.90 23.06
N GLY A 152 -11.94 1.32 23.80
CA GLY A 152 -13.25 1.55 23.20
C GLY A 152 -13.43 2.98 22.70
N TRP A 153 -14.40 3.20 21.82
CA TRP A 153 -14.66 4.56 21.33
C TRP A 153 -16.18 4.79 21.12
N GLY A 154 -16.53 5.99 20.73
CA GLY A 154 -17.94 6.30 20.53
C GLY A 154 -18.49 6.70 21.87
N ALA A 155 -19.81 6.82 21.96
CA ALA A 155 -20.41 7.19 23.21
C ALA A 155 -19.86 6.30 24.33
N GLU A 156 -20.05 6.72 25.58
CA GLU A 156 -19.58 5.93 26.70
C GLU A 156 -18.07 6.09 26.94
N TYR A 157 -17.35 6.58 25.93
CA TYR A 157 -15.91 6.81 26.04
C TYR A 157 -15.54 8.26 25.67
N ARG A 158 -14.29 8.63 25.89
CA ARG A 158 -13.81 9.97 25.55
C ARG A 158 -13.44 9.97 24.04
N ARG A 159 -12.87 8.86 23.56
CA ARG A 159 -12.50 8.72 22.15
C ARG A 159 -13.81 8.61 21.38
N GLN A 160 -14.11 9.59 20.54
CA GLN A 160 -15.37 9.57 19.81
C GLN A 160 -15.22 9.01 18.42
N THR A 161 -13.99 8.95 17.92
CA THR A 161 -13.77 8.39 16.59
C THR A 161 -12.82 7.20 16.64
N VAL A 162 -13.02 6.24 15.72
CA VAL A 162 -12.19 5.03 15.69
C VAL A 162 -10.74 5.39 15.35
N THR A 163 -10.57 6.54 14.70
CA THR A 163 -9.25 7.02 14.33
C THR A 163 -8.50 7.55 15.55
N SER A 164 -9.17 7.63 16.70
CA SER A 164 -8.59 8.09 17.94
C SER A 164 -8.02 6.89 18.69
N THR A 165 -8.46 5.69 18.34
CA THR A 165 -7.97 4.50 19.04
C THR A 165 -6.61 4.13 18.48
N PRO A 166 -5.71 3.57 19.34
CA PRO A 166 -4.34 3.11 19.04
C PRO A 166 -4.25 1.99 17.97
N CYS A 167 -5.07 0.95 18.13
CA CYS A 167 -5.06 -0.22 17.23
C CYS A 167 -6.47 -0.62 16.80
N TRP A 168 -6.75 -0.49 15.51
CA TRP A 168 -8.07 -0.86 15.01
C TRP A 168 -7.95 -1.40 13.58
N ILE A 169 -8.95 -2.18 13.16
CA ILE A 169 -8.94 -2.74 11.81
C ILE A 169 -10.28 -2.41 11.17
N GLU A 170 -10.37 -2.67 9.86
CA GLU A 170 -11.58 -2.43 9.07
C GLU A 170 -11.79 -3.55 8.07
N LEU A 171 -12.89 -4.27 8.23
CA LEU A 171 -13.24 -5.40 7.37
C LEU A 171 -14.18 -4.99 6.26
N HIS A 172 -13.98 -5.62 5.12
CA HIS A 172 -14.83 -5.44 3.95
C HIS A 172 -15.35 -6.84 3.58
N LEU A 173 -16.67 -7.00 3.59
CA LEU A 173 -17.30 -8.28 3.24
C LEU A 173 -17.50 -8.28 1.75
N ASN A 174 -16.65 -9.05 1.05
CA ASN A 174 -16.65 -9.15 -0.40
C ASN A 174 -17.93 -9.68 -0.97
N GLY A 175 -18.49 -10.71 -0.36
CA GLY A 175 -19.75 -11.25 -0.81
C GLY A 175 -20.77 -10.13 -0.90
N PRO A 176 -21.19 -9.54 0.22
CA PRO A 176 -22.16 -8.44 0.23
C PRO A 176 -21.85 -7.35 -0.78
N LEU A 177 -20.59 -6.92 -0.83
CA LEU A 177 -20.18 -5.87 -1.77
C LEU A 177 -20.48 -6.31 -3.20
N GLN A 178 -20.25 -7.59 -3.49
CA GLN A 178 -20.47 -8.13 -4.84
C GLN A 178 -21.95 -8.08 -5.24
N TRP A 179 -22.79 -8.48 -4.29
CA TRP A 179 -24.23 -8.47 -4.51
C TRP A 179 -24.68 -7.06 -4.69
N LEU A 180 -24.07 -6.13 -3.95
CA LEU A 180 -24.42 -4.73 -4.05
C LEU A 180 -24.10 -4.24 -5.46
N ASP A 181 -22.87 -4.53 -5.91
CA ASP A 181 -22.40 -4.11 -7.23
C ASP A 181 -23.41 -4.39 -8.32
N LYS A 182 -23.89 -5.63 -8.37
CA LYS A 182 -24.85 -6.06 -9.37
C LYS A 182 -26.06 -5.13 -9.44
N VAL A 183 -26.54 -4.70 -8.27
CA VAL A 183 -27.68 -3.78 -8.23
C VAL A 183 -27.29 -2.32 -8.52
N LEU A 184 -26.03 -1.97 -8.27
CA LEU A 184 -25.55 -0.61 -8.54
C LEU A 184 -25.38 -0.34 -10.05
N THR A 185 -24.73 -1.27 -10.74
CA THR A 185 -24.49 -1.14 -12.17
C THR A 185 -25.79 -0.99 -12.96
N GLN A 186 -26.92 -0.92 -12.26
CA GLN A 186 -28.22 -0.80 -12.92
C GLN A 186 -29.07 0.33 -12.37
N MET A 187 -28.68 0.89 -11.23
CA MET A 187 -29.41 1.97 -10.57
C MET A 187 -29.30 3.31 -11.28
N GLY A 188 -28.83 3.30 -12.52
CA GLY A 188 -28.69 4.55 -13.24
C GLY A 188 -27.61 5.42 -12.64
N SER A 189 -27.87 6.72 -12.55
CA SER A 189 -26.89 7.65 -11.99
C SER A 189 -27.54 8.71 -11.10
N PRO A 190 -26.72 9.49 -10.37
CA PRO A 190 -27.22 10.54 -9.48
C PRO A 190 -27.88 11.67 -10.25
N SER A 191 -28.88 12.29 -9.64
CA SER A 191 -29.61 13.38 -10.27
C SER A 191 -28.87 14.71 -10.20
N VAL A 192 -28.36 15.06 -9.01
CA VAL A 192 -27.66 16.31 -8.82
C VAL A 192 -26.31 16.27 -9.48
N ARG A 193 -26.26 16.75 -10.73
CA ARG A 193 -25.02 16.79 -11.49
C ARG A 193 -23.90 17.35 -10.61
N CYS A 194 -22.67 17.04 -11.00
CA CYS A 194 -21.51 17.54 -10.26
C CYS A 194 -20.68 18.44 -11.17
N SER A 195 -20.43 19.66 -10.73
CA SER A 195 -19.64 20.59 -11.54
C SER A 195 -18.23 20.03 -11.71
N SEP A 196 -17.51 20.59 -12.66
CA SEP A 196 -16.14 20.17 -12.93
CB SEP A 196 -15.92 20.04 -14.42
OG SEP A 196 -16.05 21.33 -14.99
C SEP A 196 -15.21 21.20 -12.31
O SEP A 196 -14.02 21.23 -12.58
P SEP A 196 -16.26 21.57 -16.61
O1P SEP A 196 -16.84 20.44 -17.35
O2P SEP A 196 -16.84 22.91 -16.88
O3P SEP A 196 -14.86 21.67 -17.16
N MET A 197 -15.79 22.05 -11.45
CA MET A 197 -15.02 23.09 -10.79
C MET A 197 -15.34 23.26 -9.30
N SEP A 198 -16.59 23.07 -8.91
CA SEP A 198 -17.00 23.24 -7.51
CB SEP A 198 -18.50 23.01 -7.35
OG SEP A 198 -18.71 21.64 -7.02
C SEP A 198 -16.24 22.29 -6.58
O SEP A 198 -16.87 21.67 -5.71
OXT SEP A 198 -15.00 22.21 -6.73
P SEP A 198 -20.22 20.91 -7.15
O1P SEP A 198 -21.16 21.58 -8.06
O2P SEP A 198 -20.12 19.39 -7.24
O3P SEP A 198 -20.84 21.15 -5.77
N ALA B 3 7.89 -19.27 2.49
CA ALA B 3 8.76 -19.13 1.29
C ALA B 3 8.79 -17.70 0.82
N PHE B 4 9.67 -16.91 1.40
CA PHE B 4 9.83 -15.52 1.01
C PHE B 4 10.96 -14.96 1.84
N TRP B 5 11.37 -15.75 2.82
CA TRP B 5 12.46 -15.38 3.70
C TRP B 5 12.59 -13.93 4.17
N CYS B 6 11.92 -13.00 3.50
CA CYS B 6 11.95 -11.60 3.90
C CYS B 6 11.11 -10.71 3.00
N SER B 7 10.52 -9.68 3.59
CA SER B 7 9.76 -8.71 2.83
C SER B 7 10.55 -7.40 2.97
N ILE B 8 10.39 -6.49 2.01
CA ILE B 8 11.13 -5.26 2.09
C ILE B 8 10.21 -4.09 1.83
N ALA B 9 10.29 -3.11 2.72
CA ALA B 9 9.45 -1.93 2.58
C ALA B 9 10.33 -0.69 2.30
N TYR B 10 10.00 0.05 1.24
CA TYR B 10 10.78 1.23 0.90
C TYR B 10 10.19 2.52 1.48
N TYR B 11 11.03 3.38 2.05
CA TYR B 11 10.58 4.64 2.63
C TYR B 11 11.34 5.81 2.03
N GLU B 12 10.76 6.99 2.15
CA GLU B 12 11.38 8.24 1.72
C GLU B 12 11.10 9.17 2.88
N LEU B 13 12.07 9.27 3.77
CA LEU B 13 11.96 10.10 4.96
C LEU B 13 11.15 9.30 5.94
N ASN B 14 9.94 9.75 6.24
CA ASN B 14 9.09 9.00 7.16
C ASN B 14 7.82 8.57 6.43
N GLN B 15 7.87 8.65 5.11
CA GLN B 15 6.74 8.30 4.28
C GLN B 15 6.99 6.96 3.66
N ARG B 16 6.06 6.05 3.87
CA ARG B 16 6.16 4.73 3.29
C ARG B 16 5.80 4.88 1.81
N VAL B 17 6.74 4.57 0.91
CA VAL B 17 6.52 4.70 -0.53
C VAL B 17 6.59 3.36 -1.27
N GLY B 18 5.54 3.06 -2.04
CA GLY B 18 5.49 1.80 -2.77
C GLY B 18 4.87 0.63 -2.04
N GLU B 19 4.69 -0.47 -2.77
CA GLU B 19 4.13 -1.66 -2.16
C GLU B 19 5.23 -2.51 -1.55
N THR B 20 4.87 -3.41 -0.63
CA THR B 20 5.86 -4.26 0.01
C THR B 20 6.36 -5.35 -0.93
N PHE B 21 7.68 -5.43 -1.06
CA PHE B 21 8.28 -6.44 -1.93
C PHE B 21 8.55 -7.72 -1.15
N HIS B 22 8.19 -8.86 -1.72
CA HIS B 22 8.42 -10.15 -1.07
C HIS B 22 9.46 -10.93 -1.85
N ALA B 23 10.59 -11.21 -1.20
CA ALA B 23 11.69 -11.92 -1.85
C ALA B 23 11.47 -13.42 -1.93
N SER B 24 11.37 -13.96 -3.14
CA SER B 24 11.18 -15.40 -3.30
C SER B 24 12.48 -16.07 -3.76
N GLN B 25 13.42 -15.25 -4.21
CA GLN B 25 14.72 -15.71 -4.66
C GLN B 25 15.83 -15.50 -3.60
N PRO B 26 16.62 -16.54 -3.31
CA PRO B 26 17.73 -16.51 -2.35
C PRO B 26 18.73 -15.34 -2.54
N SER B 27 18.70 -14.73 -3.72
CA SER B 27 19.60 -13.63 -4.02
C SER B 27 18.90 -12.65 -4.96
N LEU B 28 18.66 -11.45 -4.44
CA LEU B 28 17.99 -10.40 -5.20
C LEU B 28 18.74 -9.08 -5.15
N THR B 29 18.09 -8.03 -5.62
CA THR B 29 18.71 -6.72 -5.66
C THR B 29 17.70 -5.59 -5.52
N VAL B 30 18.05 -4.59 -4.73
CA VAL B 30 17.18 -3.45 -4.58
C VAL B 30 17.91 -2.30 -5.23
N ASP B 31 17.49 -1.94 -6.44
CA ASP B 31 18.11 -0.84 -7.18
C ASP B 31 17.20 0.36 -7.43
N GLY B 32 17.72 1.33 -8.20
CA GLY B 32 16.97 2.53 -8.52
C GLY B 32 16.48 2.50 -9.95
N PHE B 33 16.31 1.29 -10.50
CA PHE B 33 15.85 1.15 -11.88
C PHE B 33 14.35 0.90 -12.00
N THR B 34 13.86 0.64 -13.21
CA THR B 34 12.43 0.45 -13.41
C THR B 34 11.84 -0.87 -13.94
N ASP B 35 12.48 -2.01 -13.69
CA ASP B 35 11.89 -3.27 -14.14
C ASP B 35 10.77 -3.68 -13.15
N PRO B 36 9.51 -3.61 -13.57
CA PRO B 36 8.34 -3.95 -12.75
C PRO B 36 8.05 -5.42 -12.41
N SER B 37 8.80 -6.36 -12.96
CA SER B 37 8.48 -7.76 -12.65
C SER B 37 9.69 -8.68 -12.46
N ASN B 38 10.53 -8.38 -11.47
CA ASN B 38 11.69 -9.23 -11.28
C ASN B 38 11.67 -9.78 -9.87
N SER B 39 11.29 -11.04 -9.72
CA SER B 39 11.24 -11.68 -8.42
C SER B 39 12.62 -11.58 -7.75
N GLU B 40 13.58 -11.06 -8.53
CA GLU B 40 14.97 -10.89 -8.08
C GLU B 40 15.41 -9.43 -8.12
N ARG B 41 14.48 -8.52 -8.39
CA ARG B 41 14.78 -7.09 -8.45
C ARG B 41 13.69 -6.15 -7.97
N PHE B 42 13.90 -5.59 -6.79
CA PHE B 42 12.97 -4.63 -6.21
C PHE B 42 13.41 -3.29 -6.80
N CYS B 43 12.81 -2.94 -7.92
CA CYS B 43 13.14 -1.68 -8.56
C CYS B 43 12.42 -0.48 -7.95
N LEU B 44 13.18 0.39 -7.29
CA LEU B 44 12.64 1.58 -6.64
C LEU B 44 12.39 2.73 -7.61
N GLY B 45 13.12 2.74 -8.73
CA GLY B 45 12.92 3.79 -9.72
C GLY B 45 11.50 3.95 -10.22
N LEU B 46 10.74 2.85 -10.28
CA LEU B 46 9.35 2.91 -10.76
C LEU B 46 8.32 3.21 -9.67
N LEU B 47 8.78 3.49 -8.45
CA LEU B 47 7.84 3.79 -7.36
C LEU B 47 7.61 5.29 -7.27
N SER B 48 6.36 5.73 -7.44
CA SER B 48 6.09 7.15 -7.37
C SER B 48 5.79 7.65 -5.96
N ASN B 49 5.81 8.98 -5.80
CA ASN B 49 5.54 9.64 -4.53
C ASN B 49 5.11 11.08 -4.84
N VAL B 50 3.81 11.27 -4.98
CA VAL B 50 3.23 12.57 -5.30
C VAL B 50 3.75 13.76 -4.45
N ASN B 51 4.30 13.47 -3.28
CA ASN B 51 4.81 14.54 -2.43
C ASN B 51 6.33 14.43 -2.28
N ARG B 52 6.99 14.01 -3.36
CA ARG B 52 8.43 13.83 -3.38
C ARG B 52 9.16 15.15 -3.61
N ASN B 53 10.12 15.47 -2.75
CA ASN B 53 10.90 16.70 -2.86
C ASN B 53 12.13 16.54 -3.77
N ALA B 54 12.86 17.63 -3.94
CA ALA B 54 14.07 17.65 -4.76
C ALA B 54 15.18 16.74 -4.22
N THR B 55 15.53 16.87 -2.94
CA THR B 55 16.60 16.03 -2.39
C THR B 55 16.33 14.54 -2.63
N VAL B 56 15.12 14.10 -2.27
CA VAL B 56 14.74 12.69 -2.46
C VAL B 56 14.95 12.30 -3.92
N GLU B 57 14.35 13.10 -4.80
CA GLU B 57 14.47 12.86 -6.22
C GLU B 57 15.95 12.81 -6.63
N MET B 58 16.75 13.73 -6.09
CA MET B 58 18.17 13.81 -6.39
C MET B 58 18.92 12.59 -5.91
N THR B 59 18.59 12.12 -4.70
CA THR B 59 19.27 10.97 -4.11
C THR B 59 18.90 9.68 -4.83
N ARG B 60 17.67 9.60 -5.34
CA ARG B 60 17.23 8.41 -6.04
C ARG B 60 18.10 8.19 -7.27
N ARG B 61 18.59 9.27 -7.83
CA ARG B 61 19.44 9.20 -9.00
C ARG B 61 20.76 8.48 -8.73
N HIS B 62 21.21 8.45 -7.48
CA HIS B 62 22.49 7.83 -7.15
C HIS B 62 22.35 6.45 -6.54
N ILE B 63 21.12 5.93 -6.47
CA ILE B 63 20.90 4.59 -5.93
C ILE B 63 21.53 3.56 -6.87
N GLY B 64 21.51 3.86 -8.15
CA GLY B 64 22.11 2.96 -9.12
C GLY B 64 21.76 1.51 -8.94
N ARG B 65 22.73 0.64 -9.21
CA ARG B 65 22.55 -0.80 -9.12
C ARG B 65 22.16 -1.19 -7.70
N GLY B 66 22.10 -0.17 -6.83
CA GLY B 66 21.73 -0.34 -5.43
C GLY B 66 22.48 -1.34 -4.57
N VAL B 67 21.73 -2.18 -3.87
CA VAL B 67 22.32 -3.17 -2.99
C VAL B 67 21.82 -4.57 -3.33
N ARG B 68 22.69 -5.54 -3.13
CA ARG B 68 22.34 -6.93 -3.40
C ARG B 68 22.29 -7.67 -2.10
N LEU B 69 21.10 -8.15 -1.75
CA LEU B 69 20.89 -8.91 -0.52
C LEU B 69 20.94 -10.36 -0.93
N TYR B 70 21.45 -11.24 -0.08
CA TYR B 70 21.50 -12.63 -0.48
C TYR B 70 21.66 -13.59 0.68
N TYR B 71 20.83 -14.63 0.64
CA TYR B 71 20.70 -15.69 1.66
C TYR B 71 21.60 -16.93 1.56
N ILE B 72 22.85 -16.83 2.05
CA ILE B 72 23.76 -18.00 2.05
C ILE B 72 23.54 -18.81 3.32
N GLY B 73 23.09 -20.06 3.16
CA GLY B 73 22.84 -20.85 4.34
C GLY B 73 21.98 -20.07 5.31
N GLY B 74 22.45 -19.94 6.54
CA GLY B 74 21.67 -19.21 7.53
C GLY B 74 22.22 -17.83 7.82
N GLU B 75 22.62 -17.13 6.76
CA GLU B 75 23.15 -15.78 6.89
C GLU B 75 22.75 -14.84 5.73
N VAL B 76 22.59 -13.57 6.02
CA VAL B 76 22.19 -12.63 4.99
C VAL B 76 23.32 -11.64 4.77
N PHE B 77 23.65 -11.39 3.50
CA PHE B 77 24.71 -10.45 3.14
C PHE B 77 24.21 -9.31 2.26
N ALA B 78 24.82 -8.14 2.42
CA ALA B 78 24.44 -6.97 1.65
C ALA B 78 25.65 -6.42 0.91
N GLU B 79 25.60 -6.48 -0.43
CA GLU B 79 26.69 -5.99 -1.25
C GLU B 79 26.33 -4.69 -1.96
N CYS B 80 27.08 -3.63 -1.66
CA CYS B 80 26.79 -2.33 -2.27
C CYS B 80 27.23 -2.23 -3.73
N LEU B 81 26.27 -2.34 -4.65
CA LEU B 81 26.54 -2.23 -6.07
C LEU B 81 26.56 -0.76 -6.50
N SER B 82 25.76 0.05 -5.84
CA SER B 82 25.70 1.45 -6.15
C SER B 82 27.11 2.08 -6.09
N ASP B 83 27.27 3.26 -6.70
CA ASP B 83 28.55 3.94 -6.69
C ASP B 83 28.64 4.85 -5.48
N SER B 84 27.57 4.83 -4.69
CA SER B 84 27.50 5.60 -3.46
C SER B 84 27.36 4.59 -2.33
N ALA B 85 27.80 4.98 -1.14
CA ALA B 85 27.72 4.10 0.03
C ALA B 85 26.27 3.82 0.44
N ILE B 86 26.12 2.76 1.22
CA ILE B 86 24.81 2.37 1.75
C ILE B 86 25.02 2.09 3.24
N PHE B 87 24.21 2.70 4.11
CA PHE B 87 24.34 2.49 5.55
C PHE B 87 23.36 1.46 6.10
N VAL B 88 23.89 0.53 6.88
CA VAL B 88 23.09 -0.55 7.46
C VAL B 88 22.99 -0.49 8.98
N GLN B 89 21.78 -0.69 9.48
CA GLN B 89 21.55 -0.71 10.92
C GLN B 89 20.97 -2.07 11.27
N SER B 90 21.86 -3.02 11.53
CA SER B 90 21.44 -4.36 11.89
C SER B 90 21.75 -4.70 13.34
N PRO B 91 20.73 -4.70 14.21
CA PRO B 91 20.89 -5.01 15.64
C PRO B 91 21.57 -6.35 15.84
N ASN B 92 21.41 -7.23 14.86
CA ASN B 92 22.01 -8.57 14.88
C ASN B 92 23.49 -8.49 14.44
N CYS B 93 23.79 -7.54 13.57
CA CYS B 93 25.14 -7.35 13.06
C CYS B 93 25.97 -6.56 14.07
N ASN B 94 25.36 -5.52 14.65
CA ASN B 94 26.01 -4.66 15.65
C ASN B 94 26.33 -5.45 16.90
N GLN B 95 25.33 -6.14 17.44
CA GLN B 95 25.49 -6.92 18.66
C GLN B 95 26.60 -7.95 18.53
N ARG B 96 27.12 -8.10 17.30
CA ARG B 96 28.21 -9.02 17.00
C ARG B 96 29.55 -8.30 17.22
N TYR B 97 29.61 -7.03 16.83
CA TYR B 97 30.81 -6.23 17.05
C TYR B 97 30.67 -5.56 18.43
N GLY B 98 29.45 -5.51 18.95
CA GLY B 98 29.23 -4.92 20.26
C GLY B 98 28.65 -3.52 20.44
N TRP B 99 28.66 -2.66 19.42
CA TRP B 99 28.15 -1.31 19.60
C TRP B 99 26.64 -1.09 19.63
N HIS B 100 26.20 -0.30 20.60
CA HIS B 100 24.80 0.08 20.79
C HIS B 100 23.94 -0.29 19.56
N PRO B 101 23.20 -1.40 19.64
CA PRO B 101 22.34 -1.90 18.57
C PRO B 101 21.89 -0.89 17.50
N ALA B 102 21.64 0.37 17.89
CA ALA B 102 21.21 1.40 16.94
C ALA B 102 22.35 1.89 16.06
N THR B 103 23.46 1.16 16.10
CA THR B 103 24.64 1.51 15.30
C THR B 103 24.48 1.34 13.78
N VAL B 104 24.81 2.37 13.02
CA VAL B 104 24.72 2.31 11.57
C VAL B 104 26.09 2.02 11.02
N CYS B 105 26.17 1.05 10.12
CA CYS B 105 27.45 0.69 9.56
C CYS B 105 27.51 1.00 8.07
N LYS B 106 28.47 1.84 7.69
CA LYS B 106 28.68 2.23 6.29
C LYS B 106 29.28 1.11 5.41
N ILE B 107 28.70 0.90 4.23
CA ILE B 107 29.17 -0.11 3.30
C ILE B 107 29.57 0.56 2.00
N PRO B 108 30.86 0.96 1.88
CA PRO B 108 31.37 1.62 0.68
C PRO B 108 31.16 0.78 -0.59
N PRO B 109 31.08 1.46 -1.75
CA PRO B 109 30.88 0.79 -3.04
C PRO B 109 31.87 -0.38 -3.28
N GLY B 110 31.34 -1.53 -3.68
CA GLY B 110 32.19 -2.69 -3.91
C GLY B 110 32.41 -3.56 -2.68
N CYS B 111 31.90 -3.11 -1.55
CA CYS B 111 32.06 -3.87 -0.32
C CYS B 111 30.84 -4.72 -0.07
N ASN B 112 30.84 -5.45 1.03
CA ASN B 112 29.71 -6.27 1.41
C ASN B 112 29.87 -6.69 2.88
N LEU B 113 28.75 -6.68 3.62
CA LEU B 113 28.74 -7.04 5.04
C LEU B 113 27.76 -8.16 5.39
N LYS B 114 28.07 -8.91 6.44
CA LYS B 114 27.18 -9.96 6.88
C LYS B 114 26.20 -9.23 7.80
N ILE B 115 25.01 -8.96 7.28
CA ILE B 115 23.99 -8.24 8.04
C ILE B 115 23.09 -9.05 9.00
N PHE B 116 23.18 -10.38 8.98
CA PHE B 116 22.33 -11.15 9.89
C PHE B 116 22.80 -12.59 9.95
N ASN B 117 22.63 -13.19 11.12
CA ASN B 117 23.00 -14.59 11.37
C ASN B 117 21.89 -15.29 12.19
N ASN B 118 21.31 -16.33 11.60
CA ASN B 118 20.25 -17.09 12.24
C ASN B 118 20.62 -17.65 13.60
N GLN B 119 21.59 -18.56 13.63
CA GLN B 119 22.04 -19.19 14.87
C GLN B 119 22.17 -18.17 16.00
N GLU B 120 22.82 -17.05 15.69
CA GLU B 120 23.01 -15.98 16.65
C GLU B 120 21.66 -15.58 17.20
N PHE B 121 20.75 -15.22 16.30
CA PHE B 121 19.40 -14.82 16.68
C PHE B 121 18.72 -15.90 17.53
N ALA B 122 18.65 -17.11 16.99
CA ALA B 122 18.02 -18.24 17.71
C ALA B 122 18.53 -18.38 19.16
N ALA B 123 19.84 -18.16 19.33
CA ALA B 123 20.47 -18.25 20.66
C ALA B 123 20.04 -17.09 21.57
N LEU B 124 19.78 -15.96 20.92
CA LEU B 124 19.34 -14.77 21.64
C LEU B 124 17.87 -14.91 22.00
N LEU B 125 17.13 -15.64 21.17
CA LEU B 125 15.73 -15.91 21.42
C LEU B 125 15.59 -16.93 22.57
N ALA B 126 16.53 -17.86 22.67
CA ALA B 126 16.48 -18.90 23.71
C ALA B 126 16.68 -18.36 25.11
N GLN B 127 17.75 -17.58 25.29
CA GLN B 127 18.00 -17.02 26.61
C GLN B 127 17.02 -15.94 26.99
N SER B 128 16.22 -15.47 26.05
CA SER B 128 15.24 -14.43 26.32
C SER B 128 14.00 -14.96 27.02
N VAL B 129 13.65 -16.21 26.74
CA VAL B 129 12.49 -16.83 27.36
C VAL B 129 12.53 -16.71 28.89
N ASN B 130 13.71 -16.84 29.50
CA ASN B 130 13.88 -16.75 30.96
C ASN B 130 13.69 -15.34 31.49
N GLN B 131 13.97 -14.37 30.64
CA GLN B 131 13.78 -12.98 31.02
C GLN B 131 12.31 -12.55 31.11
N GLY B 132 11.41 -13.13 30.31
CA GLY B 132 10.01 -12.72 30.39
C GLY B 132 9.38 -12.28 29.09
N PHE B 133 8.06 -12.20 29.10
CA PHE B 133 7.32 -11.82 27.91
C PHE B 133 7.93 -10.60 27.24
N GLU B 134 8.01 -9.52 27.99
CA GLU B 134 8.55 -8.28 27.45
C GLU B 134 9.86 -8.45 26.69
N ALA B 135 10.77 -9.25 27.26
CA ALA B 135 12.08 -9.47 26.66
C ALA B 135 11.97 -10.17 25.32
N VAL B 136 10.98 -11.05 25.20
CA VAL B 136 10.79 -11.77 23.95
C VAL B 136 10.04 -10.93 22.92
N TYR B 137 9.10 -10.13 23.39
CA TYR B 137 8.30 -9.30 22.48
C TYR B 137 9.16 -8.29 21.74
N GLN B 138 10.23 -7.84 22.38
CA GLN B 138 11.11 -6.86 21.77
C GLN B 138 12.08 -7.44 20.73
N LEU B 139 12.16 -8.76 20.62
CA LEU B 139 13.05 -9.42 19.67
C LEU B 139 12.61 -9.20 18.21
N THR B 140 11.41 -8.65 18.02
CA THR B 140 10.95 -8.40 16.67
C THR B 140 11.94 -7.39 16.06
N ARG B 141 12.45 -6.48 16.87
CA ARG B 141 13.44 -5.53 16.36
C ARG B 141 14.67 -6.25 15.79
N MET B 142 14.99 -7.42 16.36
CA MET B 142 16.11 -8.23 15.91
C MET B 142 15.86 -8.89 14.56
N CYS B 143 14.59 -8.92 14.14
CA CYS B 143 14.21 -9.54 12.89
C CYS B 143 14.09 -8.46 11.83
N THR B 144 14.53 -7.25 12.17
CA THR B 144 14.45 -6.14 11.23
C THR B 144 15.83 -5.55 10.97
N ILE B 145 16.01 -5.01 9.76
CA ILE B 145 17.26 -4.41 9.31
C ILE B 145 16.95 -3.17 8.46
N ARG B 146 17.55 -2.04 8.79
CA ARG B 146 17.28 -0.82 8.04
C ARG B 146 18.50 -0.32 7.26
N MET B 147 18.28 0.07 6.01
CA MET B 147 19.36 0.51 5.12
C MET B 147 19.01 1.80 4.41
N SER B 148 19.98 2.68 4.36
CA SER B 148 19.80 3.97 3.70
C SER B 148 20.67 3.99 2.46
N PHE B 149 20.23 4.70 1.42
CA PHE B 149 21.00 4.79 0.17
C PHE B 149 21.62 6.18 0.04
N VAL B 150 22.90 6.24 -0.34
CA VAL B 150 23.64 7.50 -0.53
C VAL B 150 23.92 8.32 0.75
N LYS B 151 22.87 8.65 1.51
CA LYS B 151 23.02 9.41 2.76
C LYS B 151 23.05 8.52 4.01
N GLY B 152 23.83 8.93 5.00
CA GLY B 152 23.92 8.16 6.22
C GLY B 152 23.09 8.79 7.32
N TRP B 153 23.17 8.19 8.50
CA TRP B 153 22.41 8.69 9.63
C TRP B 153 22.92 8.11 10.95
N GLY B 154 22.38 8.62 12.05
CA GLY B 154 22.81 8.15 13.35
C GLY B 154 24.01 8.92 13.85
N ALA B 155 24.77 8.28 14.74
CA ALA B 155 25.94 8.87 15.35
C ALA B 155 26.81 9.74 14.43
N GLU B 156 26.67 11.05 14.64
CA GLU B 156 27.41 12.10 13.96
C GLU B 156 27.31 12.37 12.49
N TYR B 157 26.27 11.86 11.85
CA TYR B 157 25.99 12.23 10.48
C TYR B 157 24.82 13.02 11.06
N ARG B 158 24.78 14.34 10.91
CA ARG B 158 23.69 15.08 11.55
C ARG B 158 22.25 14.74 11.12
N ARG B 159 22.08 13.50 10.68
CA ARG B 159 20.79 12.93 10.33
C ARG B 159 20.74 11.86 11.42
N GLN B 160 20.14 12.17 12.56
CA GLN B 160 20.12 11.21 13.66
C GLN B 160 19.17 10.01 13.52
N THR B 161 18.15 10.13 12.68
CA THR B 161 17.19 9.05 12.52
C THR B 161 16.97 8.67 11.07
N VAL B 162 16.60 7.42 10.83
CA VAL B 162 16.34 6.94 9.48
C VAL B 162 15.32 7.82 8.77
N THR B 163 14.28 8.23 9.49
CA THR B 163 13.24 9.05 8.89
C THR B 163 13.80 10.36 8.31
N SER B 164 15.08 10.66 8.59
CA SER B 164 15.71 11.88 8.08
C SER B 164 16.36 11.65 6.73
N THR B 165 16.72 10.40 6.46
CA THR B 165 17.35 10.07 5.19
C THR B 165 16.34 10.16 4.05
N PRO B 166 16.81 10.47 2.83
CA PRO B 166 15.93 10.60 1.68
C PRO B 166 15.42 9.27 1.15
N CYS B 167 16.30 8.28 1.15
CA CYS B 167 15.92 6.97 0.64
C CYS B 167 16.45 5.83 1.49
N TRP B 168 15.53 5.12 2.13
CA TRP B 168 15.91 3.98 2.96
C TRP B 168 14.93 2.85 2.82
N ILE B 169 15.34 1.66 3.26
CA ILE B 169 14.49 0.50 3.14
C ILE B 169 14.54 -0.36 4.39
N GLU B 170 13.45 -1.05 4.68
CA GLU B 170 13.41 -1.91 5.86
C GLU B 170 13.18 -3.38 5.47
N LEU B 171 13.97 -4.26 6.07
CA LEU B 171 13.89 -5.69 5.82
C LEU B 171 13.26 -6.44 7.01
N HIS B 172 12.29 -7.31 6.73
CA HIS B 172 11.66 -8.14 7.77
C HIS B 172 12.02 -9.59 7.46
N LEU B 173 12.79 -10.24 8.33
CA LEU B 173 13.18 -11.64 8.11
C LEU B 173 12.11 -12.56 8.62
N ASN B 174 11.40 -13.19 7.67
CA ASN B 174 10.29 -14.07 7.94
C ASN B 174 10.65 -15.31 8.72
N GLY B 175 11.84 -15.83 8.45
CA GLY B 175 12.30 -17.00 9.14
C GLY B 175 12.32 -16.78 10.64
N PRO B 176 13.12 -15.80 11.06
CA PRO B 176 13.26 -15.46 12.47
C PRO B 176 11.92 -15.04 13.07
N LEU B 177 11.08 -14.34 12.30
CA LEU B 177 9.77 -13.89 12.80
C LEU B 177 8.86 -15.09 13.10
N GLN B 178 9.05 -16.14 12.33
CA GLN B 178 8.23 -17.31 12.52
C GLN B 178 8.65 -18.04 13.80
N TRP B 179 9.95 -18.11 14.05
CA TRP B 179 10.43 -18.79 15.26
C TRP B 179 10.03 -17.99 16.49
N LEU B 180 10.12 -16.66 16.40
CA LEU B 180 9.75 -15.76 17.47
C LEU B 180 8.28 -15.99 17.80
N ASP B 181 7.45 -16.07 16.76
CA ASP B 181 6.01 -16.27 16.95
C ASP B 181 5.71 -17.54 17.74
N LYS B 182 6.46 -18.59 17.48
CA LYS B 182 6.21 -19.85 18.15
C LYS B 182 6.54 -19.75 19.62
N VAL B 183 7.51 -18.92 19.92
CA VAL B 183 7.89 -18.75 21.31
C VAL B 183 6.87 -17.83 21.95
N LEU B 184 6.58 -16.71 21.28
CA LEU B 184 5.65 -15.73 21.80
C LEU B 184 4.29 -16.25 22.22
N THR B 185 3.74 -17.15 21.42
CA THR B 185 2.44 -17.70 21.73
C THR B 185 2.47 -18.56 22.99
N GLN B 186 3.66 -18.71 23.56
CA GLN B 186 3.83 -19.53 24.75
C GLN B 186 4.38 -18.77 25.95
N MET B 187 4.68 -17.48 25.76
CA MET B 187 5.25 -16.67 26.81
C MET B 187 4.25 -16.20 27.84
N GLY B 188 2.99 -16.56 27.67
CA GLY B 188 2.03 -16.14 28.66
C GLY B 188 1.47 -14.76 28.42
N SER B 189 1.38 -13.98 29.50
CA SER B 189 0.85 -12.62 29.45
C SER B 189 1.80 -11.56 30.04
N PRO B 190 1.67 -10.29 29.58
CA PRO B 190 2.50 -9.17 30.03
C PRO B 190 2.35 -8.94 31.51
N SER B 191 3.29 -8.20 32.09
CA SER B 191 3.27 -7.86 33.52
C SER B 191 2.48 -6.57 33.60
N VAL B 192 3.09 -5.52 33.08
CA VAL B 192 2.47 -4.21 33.05
C VAL B 192 1.11 -4.33 32.38
N ARG B 193 0.07 -3.85 33.03
CA ARG B 193 -1.28 -3.94 32.49
C ARG B 193 -1.73 -2.68 31.78
N CYS B 194 -3.01 -2.62 31.44
CA CYS B 194 -3.58 -1.48 30.73
C CYS B 194 -5.10 -1.38 30.88
N SER B 195 -5.64 -0.19 30.72
CA SER B 195 -7.07 0.07 30.86
C SER B 195 -7.71 0.36 29.49
N SEP B 196 -9.02 0.27 29.43
CA SEP B 196 -9.74 0.52 28.19
CB SEP B 196 -11.08 -0.19 28.30
OG SEP B 196 -11.92 0.54 29.18
C SEP B 196 -10.06 1.98 27.97
O SEP B 196 -10.45 2.37 26.89
P SEP B 196 -13.29 -0.14 29.88
O1P SEP B 196 -13.29 -1.64 29.96
O2P SEP B 196 -13.74 0.61 31.12
O3P SEP B 196 -14.38 0.14 28.86
N MET B 197 -9.93 2.79 29.01
CA MET B 197 -10.27 4.20 28.88
C MET B 197 -9.05 5.11 28.68
N SEP B 198 -7.96 4.78 29.35
CA SEP B 198 -6.75 5.60 29.27
CB SEP B 198 -5.69 5.05 30.19
OG SEP B 198 -5.01 4.01 29.49
C SEP B 198 -6.21 5.65 27.83
O SEP B 198 -5.00 5.92 27.65
OXT SEP B 198 -6.96 5.47 26.86
P SEP B 198 -4.07 2.91 30.29
O1P SEP B 198 -4.37 2.78 31.75
O2P SEP B 198 -3.88 1.63 29.48
O3P SEP B 198 -2.70 3.56 30.25
N ILE C 1 9.35 -3.32 -30.72
CA ILE C 1 10.44 -2.41 -30.24
C ILE C 1 11.52 -3.23 -29.53
N SER C 2 11.09 -4.16 -28.69
CA SER C 2 12.03 -5.00 -27.96
C SER C 2 11.74 -6.47 -28.20
N ASN C 3 12.69 -7.33 -27.81
CA ASN C 3 12.55 -8.76 -28.00
C ASN C 3 12.36 -9.56 -26.71
N HIS C 4 12.78 -8.99 -25.58
CA HIS C 4 12.63 -9.69 -24.31
C HIS C 4 11.16 -9.97 -23.98
N PRO C 5 10.90 -11.00 -23.13
CA PRO C 5 9.55 -11.40 -22.71
C PRO C 5 8.60 -10.27 -22.33
N ALA C 6 7.32 -10.46 -22.67
CA ALA C 6 6.30 -9.48 -22.36
C ALA C 6 6.04 -9.47 -20.84
N PRO C 7 5.63 -8.30 -20.28
CA PRO C 7 5.35 -8.14 -18.84
C PRO C 7 4.14 -8.92 -18.33
N GLU C 8 4.17 -9.30 -17.06
CA GLU C 8 3.08 -10.04 -16.43
C GLU C 8 1.81 -9.17 -16.43
N TYR C 9 2.01 -7.90 -16.11
CA TYR C 9 0.93 -6.94 -16.07
C TYR C 9 1.28 -5.90 -17.12
N TRP C 10 0.29 -5.32 -17.77
CA TRP C 10 0.65 -4.31 -18.77
C TRP C 10 0.49 -2.90 -18.18
N CYS C 11 0.11 -2.82 -16.91
CA CYS C 11 -0.05 -1.52 -16.25
C CYS C 11 -0.42 -1.69 -14.77
N SER C 12 -0.27 -0.61 -14.03
CA SER C 12 -0.57 -0.58 -12.60
C SER C 12 -1.40 0.66 -12.36
N ILE C 13 -2.46 0.53 -11.58
CA ILE C 13 -3.29 1.68 -11.31
C ILE C 13 -3.36 2.00 -9.83
N ALA C 14 -3.01 3.23 -9.49
CA ALA C 14 -3.07 3.66 -8.10
C ALA C 14 -4.11 4.76 -7.96
N TYR C 15 -5.16 4.48 -7.21
CA TYR C 15 -6.19 5.47 -6.97
C TYR C 15 -5.74 6.50 -5.91
N PHE C 16 -6.21 7.74 -6.07
CA PHE C 16 -5.89 8.82 -5.14
C PHE C 16 -7.12 9.66 -4.81
N GLU C 17 -7.00 10.44 -3.74
CA GLU C 17 -8.04 11.36 -3.30
C GLU C 17 -7.25 12.48 -2.69
N MET C 18 -6.89 13.43 -3.55
CA MET C 18 -6.08 14.60 -3.20
C MET C 18 -4.63 14.11 -3.26
N ASP C 19 -3.85 14.44 -2.24
CA ASP C 19 -2.45 14.03 -2.17
C ASP C 19 -2.26 12.70 -1.40
N VAL C 20 -3.31 11.87 -1.36
CA VAL C 20 -3.24 10.60 -0.64
C VAL C 20 -3.71 9.44 -1.48
N GLN C 21 -2.91 8.38 -1.53
CA GLN C 21 -3.31 7.21 -2.28
C GLN C 21 -4.29 6.44 -1.42
N VAL C 22 -5.48 6.20 -1.98
CA VAL C 22 -6.51 5.44 -1.31
C VAL C 22 -6.60 4.06 -1.95
N GLY C 23 -6.66 3.04 -1.11
CA GLY C 23 -6.74 1.68 -1.61
C GLY C 23 -5.37 1.22 -2.09
N GLU C 24 -5.27 -0.03 -2.53
CA GLU C 24 -3.98 -0.53 -2.98
C GLU C 24 -3.90 -0.57 -4.47
N THR C 25 -2.69 -0.50 -5.02
CA THR C 25 -2.45 -0.50 -6.47
C THR C 25 -3.10 -1.68 -7.21
N PHE C 26 -3.74 -1.38 -8.34
CA PHE C 26 -4.42 -2.38 -9.16
C PHE C 26 -3.53 -2.79 -10.33
N LYS C 27 -3.18 -4.07 -10.36
CA LYS C 27 -2.32 -4.59 -11.41
C LYS C 27 -3.16 -5.31 -12.44
N VAL C 28 -3.08 -4.86 -13.69
CA VAL C 28 -3.83 -5.46 -14.79
C VAL C 28 -2.96 -6.43 -15.59
N PRO C 29 -3.33 -7.72 -15.60
CA PRO C 29 -2.57 -8.75 -16.33
C PRO C 29 -2.53 -8.41 -17.81
N SER C 30 -1.47 -8.80 -18.50
CA SER C 30 -1.36 -8.53 -19.93
C SER C 30 -2.43 -9.29 -20.71
N SER C 31 -2.98 -10.33 -20.07
CA SER C 31 -4.05 -11.15 -20.67
C SER C 31 -5.41 -10.43 -20.63
N CYS C 32 -5.45 -9.24 -20.02
CA CYS C 32 -6.66 -8.45 -19.93
C CYS C 32 -6.42 -7.12 -20.66
N PRO C 33 -6.41 -7.17 -21.99
CA PRO C 33 -6.19 -5.98 -22.81
C PRO C 33 -7.01 -4.76 -22.43
N ILE C 34 -8.24 -4.97 -21.95
CA ILE C 34 -9.10 -3.84 -21.56
C ILE C 34 -9.48 -3.94 -20.09
N VAL C 35 -9.29 -2.84 -19.36
CA VAL C 35 -9.62 -2.80 -17.94
C VAL C 35 -10.58 -1.66 -17.69
N THR C 36 -11.50 -1.85 -16.74
CA THR C 36 -12.49 -0.84 -16.41
C THR C 36 -12.29 -0.28 -14.99
N VAL C 37 -12.24 1.04 -14.91
CA VAL C 37 -12.06 1.71 -13.63
C VAL C 37 -13.31 2.55 -13.41
N ASP C 38 -14.30 1.95 -12.75
CA ASP C 38 -15.55 2.63 -12.45
C ASP C 38 -15.69 2.97 -10.95
N GLY C 39 -16.73 3.73 -10.63
CA GLY C 39 -16.98 4.12 -9.26
C GLY C 39 -17.96 3.20 -8.57
N TYR C 40 -18.09 1.98 -9.08
CA TYR C 40 -18.97 0.98 -8.47
C TYR C 40 -18.32 0.26 -7.30
N VAL C 41 -18.83 -0.90 -6.90
CA VAL C 41 -18.26 -1.52 -5.70
C VAL C 41 -17.90 -2.99 -5.71
N ASP C 42 -17.65 -3.58 -6.86
CA ASP C 42 -17.28 -4.99 -6.87
C ASP C 42 -15.80 -5.16 -6.50
N PRO C 43 -15.53 -5.77 -5.34
CA PRO C 43 -14.17 -6.00 -4.85
C PRO C 43 -13.32 -6.92 -5.73
N SER C 44 -13.89 -7.99 -6.28
CA SER C 44 -13.14 -8.90 -7.14
C SER C 44 -12.39 -8.14 -8.21
N GLY C 45 -11.09 -8.38 -8.28
CA GLY C 45 -10.27 -7.69 -9.27
C GLY C 45 -10.68 -7.96 -10.70
N GLY C 46 -9.90 -8.81 -11.36
CA GLY C 46 -10.16 -9.16 -12.74
C GLY C 46 -10.02 -7.99 -13.71
N ASP C 47 -11.11 -7.67 -14.42
CA ASP C 47 -11.12 -6.59 -15.40
C ASP C 47 -11.71 -5.29 -14.84
N ARG C 48 -12.25 -5.34 -13.63
CA ARG C 48 -12.87 -4.15 -13.04
C ARG C 48 -12.16 -3.68 -11.79
N PHE C 49 -11.88 -2.39 -11.75
CA PHE C 49 -11.25 -1.77 -10.60
C PHE C 49 -12.28 -0.79 -10.05
N CYS C 50 -13.06 -1.26 -9.08
CA CYS C 50 -14.12 -0.44 -8.49
C CYS C 50 -13.63 0.49 -7.40
N LEU C 51 -13.63 1.79 -7.70
CA LEU C 51 -13.17 2.80 -6.76
C LEU C 51 -14.21 3.10 -5.71
N GLY C 52 -15.46 2.77 -5.99
CA GLY C 52 -16.49 3.06 -5.00
C GLY C 52 -16.42 2.20 -3.76
N GLN C 53 -15.63 1.13 -3.81
CA GLN C 53 -15.52 0.25 -2.66
C GLN C 53 -14.23 0.50 -1.87
N LEU C 54 -13.55 1.63 -2.14
CA LEU C 54 -12.31 1.94 -1.44
C LEU C 54 -12.63 2.89 -0.31
N SER C 55 -12.12 2.57 0.88
CA SER C 55 -12.36 3.40 2.05
C SER C 55 -11.24 4.42 2.26
N ASN C 56 -11.56 5.47 3.02
CA ASN C 56 -10.59 6.52 3.37
C ASN C 56 -11.08 7.35 4.56
N VAL C 57 -10.31 7.33 5.63
CA VAL C 57 -10.67 8.06 6.84
C VAL C 57 -10.64 9.56 6.62
N HIS C 58 -9.70 10.01 5.80
CA HIS C 58 -9.54 11.45 5.50
C HIS C 58 -10.66 11.98 4.57
N ARG C 59 -11.26 11.08 3.81
CA ARG C 59 -12.32 11.40 2.87
C ARG C 59 -13.27 12.46 3.43
N THR C 60 -13.63 13.43 2.59
CA THR C 60 -14.51 14.52 3.00
C THR C 60 -15.90 14.47 2.38
N GLU C 61 -16.67 15.53 2.65
CA GLU C 61 -18.02 15.67 2.15
C GLU C 61 -18.01 15.98 0.64
N ALA C 62 -16.96 16.67 0.20
CA ALA C 62 -16.79 17.06 -1.21
C ALA C 62 -16.34 15.90 -2.09
N ILE C 63 -15.60 14.96 -1.51
CA ILE C 63 -15.15 13.81 -2.27
C ILE C 63 -16.22 12.73 -2.37
N GLU C 64 -16.96 12.52 -1.28
CA GLU C 64 -18.01 11.51 -1.28
C GLU C 64 -18.95 11.91 -2.38
N ARG C 65 -19.06 13.22 -2.58
CA ARG C 65 -19.92 13.79 -3.60
C ARG C 65 -19.41 13.43 -5.00
N ALA C 66 -18.19 13.85 -5.31
CA ALA C 66 -17.59 13.56 -6.61
C ALA C 66 -17.56 12.05 -6.93
N ARG C 67 -17.08 11.25 -5.97
CA ARG C 67 -17.01 9.80 -6.17
C ARG C 67 -18.36 9.25 -6.66
N LEU C 68 -19.44 9.85 -6.20
CA LEU C 68 -20.79 9.43 -6.58
C LEU C 68 -21.00 9.49 -8.09
N HIS C 69 -20.22 10.33 -8.76
CA HIS C 69 -20.39 10.52 -10.19
C HIS C 69 -19.39 9.81 -11.10
N ILE C 70 -18.44 9.09 -10.53
CA ILE C 70 -17.48 8.38 -11.37
C ILE C 70 -18.25 7.51 -12.36
N GLY C 71 -19.23 6.76 -11.85
CA GLY C 71 -20.00 5.89 -12.73
C GLY C 71 -19.21 4.78 -13.39
N LYS C 72 -19.58 4.44 -14.61
CA LYS C 72 -18.88 3.39 -15.37
C LYS C 72 -17.43 3.81 -15.61
N GLY C 73 -17.10 5.03 -15.18
CA GLY C 73 -15.76 5.57 -15.30
C GLY C 73 -15.20 5.51 -16.70
N VAL C 74 -14.00 4.98 -16.83
CA VAL C 74 -13.38 4.87 -18.15
C VAL C 74 -12.88 3.46 -18.38
N GLN C 75 -12.13 3.28 -19.46
CA GLN C 75 -11.53 1.99 -19.80
C GLN C 75 -10.12 2.21 -20.32
N LEU C 76 -9.23 1.28 -20.02
CA LEU C 76 -7.85 1.38 -20.47
C LEU C 76 -7.55 0.12 -21.26
N GLU C 77 -7.25 0.29 -22.54
CA GLU C 77 -6.96 -0.83 -23.41
C GLU C 77 -5.52 -0.79 -23.94
N CYS C 78 -4.89 -1.96 -24.01
CA CYS C 78 -3.53 -2.07 -24.51
C CYS C 78 -3.58 -2.72 -25.90
N LYS C 79 -3.22 -1.95 -26.92
CA LYS C 79 -3.25 -2.42 -28.30
C LYS C 79 -1.95 -3.03 -28.84
N GLY C 80 -0.95 -2.19 -29.05
CA GLY C 80 0.28 -2.70 -29.61
C GLY C 80 1.51 -2.76 -28.74
N GLU C 81 1.75 -3.93 -28.13
CA GLU C 81 2.92 -4.13 -27.26
C GLU C 81 3.02 -3.16 -26.07
N GLY C 82 2.51 -1.94 -26.25
CA GLY C 82 2.59 -0.95 -25.18
C GLY C 82 1.80 0.31 -25.49
N ASP C 83 0.82 0.21 -26.40
CA ASP C 83 -0.01 1.35 -26.74
C ASP C 83 -1.31 1.32 -25.98
N VAL C 84 -1.63 2.42 -25.30
CA VAL C 84 -2.84 2.49 -24.50
C VAL C 84 -3.93 3.41 -25.04
N TRP C 85 -5.16 2.95 -24.97
CA TRP C 85 -6.29 3.73 -25.44
C TRP C 85 -7.26 3.93 -24.28
N VAL C 86 -7.98 5.06 -24.31
CA VAL C 86 -8.95 5.38 -23.28
C VAL C 86 -10.36 5.61 -23.85
N ARG C 87 -11.37 5.14 -23.15
CA ARG C 87 -12.76 5.29 -23.57
C ARG C 87 -13.62 5.67 -22.39
N CYS C 88 -14.05 6.93 -22.36
CA CYS C 88 -14.86 7.44 -21.27
C CYS C 88 -16.29 6.90 -21.28
N LEU C 89 -16.58 5.92 -20.43
CA LEU C 89 -17.92 5.34 -20.37
C LEU C 89 -18.74 6.05 -19.31
N SER C 90 -18.20 7.14 -18.79
CA SER C 90 -18.88 7.91 -17.75
C SER C 90 -19.78 9.01 -18.27
N ASP C 91 -20.77 9.41 -17.47
CA ASP C 91 -21.70 10.46 -17.84
C ASP C 91 -20.96 11.78 -17.72
N HIS C 92 -19.95 11.78 -16.85
CA HIS C 92 -19.13 12.96 -16.63
C HIS C 92 -17.82 12.86 -17.41
N ALA C 93 -17.18 14.01 -17.60
CA ALA C 93 -15.91 14.08 -18.31
C ALA C 93 -14.79 13.47 -17.50
N VAL C 94 -13.61 13.39 -18.10
CA VAL C 94 -12.44 12.83 -17.45
C VAL C 94 -11.24 13.60 -17.96
N PHE C 95 -10.30 13.92 -17.08
CA PHE C 95 -9.15 14.69 -17.48
C PHE C 95 -7.89 13.86 -17.52
N VAL C 96 -7.29 13.74 -18.70
CA VAL C 96 -6.08 12.94 -18.88
C VAL C 96 -4.81 13.76 -19.10
N GLN C 97 -3.70 13.26 -18.57
CA GLN C 97 -2.40 13.87 -18.72
C GLN C 97 -1.52 12.91 -19.50
N SER C 98 -1.23 13.26 -20.75
CA SER C 98 -0.41 12.41 -21.61
C SER C 98 0.57 13.20 -22.47
N TYR C 99 1.80 12.70 -22.54
CA TYR C 99 2.84 13.33 -23.35
C TYR C 99 2.52 13.10 -24.83
N TYR C 100 2.07 11.88 -25.17
CA TYR C 100 1.73 11.55 -26.54
C TYR C 100 0.67 12.56 -27.00
N LEU C 101 -0.20 12.99 -26.06
CA LEU C 101 -1.33 13.91 -26.38
C LEU C 101 -0.80 15.35 -26.38
N ASP C 102 0.20 15.59 -25.54
CA ASP C 102 0.72 16.93 -25.47
C ASP C 102 1.44 17.24 -26.80
N ARG C 103 2.25 16.27 -27.24
CA ARG C 103 3.05 16.39 -28.46
C ARG C 103 2.10 16.58 -29.62
N GLU C 104 1.08 15.74 -29.68
CA GLU C 104 0.06 15.80 -30.74
C GLU C 104 -0.59 17.18 -30.80
N ALA C 105 -0.59 17.90 -29.69
CA ALA C 105 -1.21 19.23 -29.68
C ALA C 105 -0.19 20.35 -29.85
N GLY C 106 1.06 19.99 -30.13
CA GLY C 106 2.10 20.99 -30.32
C GLY C 106 2.41 21.75 -29.03
N ARG C 107 1.98 21.17 -27.92
CA ARG C 107 2.20 21.75 -26.60
C ARG C 107 3.49 21.18 -26.01
N ALA C 108 4.03 21.85 -24.99
CA ALA C 108 5.24 21.39 -24.33
C ALA C 108 4.88 20.31 -23.31
N PRO C 109 5.83 19.43 -22.97
CA PRO C 109 5.59 18.36 -22.02
C PRO C 109 4.97 18.83 -20.69
N GLY C 110 3.77 18.34 -20.38
CA GLY C 110 3.10 18.71 -19.13
C GLY C 110 2.44 20.08 -19.11
N ASP C 111 2.49 20.79 -20.24
CA ASP C 111 1.89 22.11 -20.33
C ASP C 111 0.50 22.04 -20.98
N ALA C 112 -0.33 21.10 -20.51
CA ALA C 112 -1.67 20.90 -21.03
C ALA C 112 -2.46 19.79 -20.33
N VAL C 113 -3.76 20.03 -20.15
CA VAL C 113 -4.67 19.07 -19.54
C VAL C 113 -5.73 18.73 -20.60
N HIS C 114 -5.85 17.44 -20.94
CA HIS C 114 -6.75 16.99 -21.97
C HIS C 114 -8.10 16.47 -21.41
N LYS C 115 -9.19 17.17 -21.72
CA LYS C 115 -10.50 16.74 -21.28
C LYS C 115 -11.15 15.78 -22.28
N ILE C 116 -11.45 14.55 -21.86
CA ILE C 116 -12.11 13.56 -22.73
C ILE C 116 -13.64 13.59 -22.55
N TYR C 117 -14.36 13.56 -23.66
CA TYR C 117 -15.81 13.61 -23.63
C TYR C 117 -16.46 12.24 -23.59
N PRO C 118 -17.55 12.13 -22.82
CA PRO C 118 -18.30 10.87 -22.68
C PRO C 118 -18.49 10.14 -24.01
N SER C 119 -18.11 8.87 -24.03
CA SER C 119 -18.22 7.98 -25.18
C SER C 119 -17.01 8.06 -26.07
N ALA C 120 -16.16 9.05 -25.82
CA ALA C 120 -14.94 9.22 -26.61
C ALA C 120 -14.01 8.02 -26.46
N TYR C 121 -13.32 7.67 -27.56
CA TYR C 121 -12.39 6.55 -27.60
C TYR C 121 -11.08 7.06 -28.25
N ILE C 122 -10.20 7.62 -27.42
CA ILE C 122 -8.93 8.19 -27.87
C ILE C 122 -7.68 7.43 -27.48
N LYS C 123 -6.65 7.57 -28.30
CA LYS C 123 -5.37 6.94 -28.05
C LYS C 123 -4.59 7.92 -27.16
N VAL C 124 -3.99 7.42 -26.08
CA VAL C 124 -3.24 8.28 -25.15
C VAL C 124 -1.74 7.96 -24.99
N PHE C 125 -1.30 6.85 -25.58
CA PHE C 125 0.10 6.49 -25.44
C PHE C 125 0.64 5.63 -26.58
N ASP C 126 1.81 6.05 -27.09
CA ASP C 126 2.50 5.34 -28.16
C ASP C 126 3.85 4.85 -27.63
N LEU C 127 3.95 3.53 -27.45
CA LEU C 127 5.17 2.91 -26.93
C LEU C 127 6.41 3.38 -27.68
N ARG C 128 6.39 3.25 -29.01
CA ARG C 128 7.53 3.67 -29.84
C ARG C 128 7.95 5.12 -29.53
N GLN C 129 7.00 6.05 -29.63
CA GLN C 129 7.27 7.46 -29.35
C GLN C 129 7.91 7.61 -27.98
N CYS C 130 7.44 6.80 -27.03
CA CYS C 130 7.99 6.82 -25.68
C CYS C 130 9.45 6.34 -25.73
N HIS C 131 9.64 5.11 -26.21
CA HIS C 131 10.97 4.53 -26.33
C HIS C 131 11.95 5.52 -26.95
N ARG C 132 11.57 6.08 -28.09
CA ARG C 132 12.38 7.06 -28.81
C ARG C 132 12.78 8.16 -27.86
N GLN C 133 11.78 8.87 -27.35
CA GLN C 133 11.96 9.98 -26.43
C GLN C 133 12.88 9.67 -25.23
N MET C 134 12.98 8.40 -24.84
CA MET C 134 13.85 8.00 -23.73
C MET C 134 15.32 8.12 -24.16
N GLN C 135 15.68 7.40 -25.22
CA GLN C 135 17.04 7.42 -25.76
C GLN C 135 17.37 8.88 -26.07
N GLN C 136 16.32 9.63 -26.36
CA GLN C 136 16.40 11.06 -26.69
C GLN C 136 17.05 11.78 -25.51
N GLN C 137 16.63 11.38 -24.30
CA GLN C 137 17.13 11.98 -23.06
C GLN C 137 18.44 11.36 -22.64
N ALA C 138 18.58 10.06 -22.85
CA ALA C 138 19.79 9.34 -22.49
C ALA C 138 20.97 9.85 -23.31
N ALA C 139 20.69 10.24 -24.55
CA ALA C 139 21.72 10.73 -25.44
C ALA C 139 22.26 12.08 -24.98
N THR C 140 21.38 13.05 -24.80
CA THR C 140 21.79 14.38 -24.36
C THR C 140 22.56 14.36 -23.03
N ALA C 141 22.25 13.39 -22.19
CA ALA C 141 22.92 13.24 -20.90
C ALA C 141 24.35 12.76 -21.08
N GLN C 142 24.52 11.72 -21.89
CA GLN C 142 25.85 11.14 -22.18
C GLN C 142 26.70 12.33 -22.62
N ALA C 143 26.01 13.30 -23.22
CA ALA C 143 26.66 14.51 -23.75
C ALA C 143 26.90 15.58 -22.66
N ALA C 144 25.81 16.03 -22.02
CA ALA C 144 25.90 17.02 -20.96
C ALA C 144 26.76 16.52 -19.82
N ALA C 145 27.11 15.24 -19.84
CA ALA C 145 27.96 14.61 -18.81
C ALA C 145 29.46 14.77 -19.18
N ALA C 146 29.74 14.62 -20.47
CA ALA C 146 31.11 14.76 -20.97
C ALA C 146 31.36 16.24 -21.21
N ALA C 147 30.28 17.00 -21.43
CA ALA C 147 30.36 18.44 -21.68
C ALA C 147 30.70 19.17 -20.38
N GLN C 148 30.46 18.51 -19.25
CA GLN C 148 30.74 19.11 -17.95
C GLN C 148 32.04 18.54 -17.43
N ILE C 177 18.26 15.63 -15.72
CA ILE C 177 17.58 14.45 -16.26
C ILE C 177 17.91 13.20 -15.46
N GLY C 178 16.97 12.82 -14.60
CA GLY C 178 17.13 11.64 -13.77
C GLY C 178 16.02 10.63 -13.98
N VAL C 179 16.11 9.52 -13.26
CA VAL C 179 15.12 8.44 -13.38
C VAL C 179 13.70 8.92 -13.08
N ASP C 180 13.55 9.89 -12.18
CA ASP C 180 12.22 10.37 -11.84
C ASP C 180 11.63 11.30 -12.90
N ASP C 181 12.50 11.90 -13.70
CA ASP C 181 12.09 12.80 -14.77
C ASP C 181 11.62 12.01 -15.96
N LEU C 182 12.39 11.00 -16.33
CA LEU C 182 12.07 10.19 -17.49
C LEU C 182 11.05 9.05 -17.25
N ARG C 183 10.84 8.69 -16.00
CA ARG C 183 9.88 7.62 -15.73
C ARG C 183 8.49 8.18 -15.99
N ARG C 184 8.40 9.51 -16.02
CA ARG C 184 7.15 10.20 -16.27
C ARG C 184 6.64 9.82 -17.65
N LEU C 185 7.58 9.55 -18.55
CA LEU C 185 7.26 9.18 -19.93
C LEU C 185 6.46 7.89 -19.97
N CYS C 186 6.61 7.08 -18.93
CA CYS C 186 5.89 5.81 -18.86
C CYS C 186 4.66 5.90 -17.95
N ILE C 187 4.29 7.11 -17.57
CA ILE C 187 3.15 7.33 -16.68
C ILE C 187 1.99 8.11 -17.29
N LEU C 188 0.80 7.79 -16.80
CA LEU C 188 -0.46 8.44 -17.21
C LEU C 188 -1.27 8.84 -15.95
N ARG C 189 -1.80 10.06 -15.91
CA ARG C 189 -2.62 10.48 -14.77
C ARG C 189 -4.00 10.86 -15.29
N MET C 190 -5.03 10.50 -14.53
CA MET C 190 -6.38 10.77 -14.98
C MET C 190 -7.30 11.12 -13.83
N SER C 191 -7.93 12.29 -13.92
CA SER C 191 -8.85 12.73 -12.87
C SER C 191 -10.31 12.56 -13.29
N PHE C 192 -11.11 11.99 -12.40
CA PHE C 192 -12.53 11.76 -12.67
C PHE C 192 -13.34 12.97 -12.20
N VAL C 193 -14.34 13.34 -13.00
CA VAL C 193 -15.23 14.46 -12.67
C VAL C 193 -14.55 15.83 -12.71
N LYS C 194 -13.97 16.26 -11.59
CA LYS C 194 -13.29 17.56 -11.51
C LYS C 194 -12.05 17.64 -12.39
N GLY C 195 -11.67 18.85 -12.74
CA GLY C 195 -10.50 19.02 -13.59
C GLY C 195 -9.59 20.03 -12.94
N TRP C 196 -8.30 19.93 -13.23
CA TRP C 196 -7.31 20.86 -12.71
C TRP C 196 -6.74 21.61 -13.90
N GLY C 197 -5.56 22.19 -13.73
CA GLY C 197 -4.99 22.91 -14.86
C GLY C 197 -5.26 24.40 -14.77
N PRO C 198 -4.69 25.18 -15.72
CA PRO C 198 -4.79 26.64 -15.83
C PRO C 198 -6.16 27.25 -16.18
N ASP C 199 -7.24 26.51 -15.95
CA ASP C 199 -8.57 27.04 -16.24
C ASP C 199 -9.55 26.49 -15.20
N TYR C 200 -9.00 26.07 -14.07
CA TYR C 200 -9.80 25.53 -12.99
C TYR C 200 -9.24 25.97 -11.66
N PRO C 201 -10.09 26.02 -10.62
CA PRO C 201 -9.66 26.43 -9.28
C PRO C 201 -8.53 25.54 -8.76
N ARG C 202 -8.43 24.34 -9.32
CA ARG C 202 -7.41 23.36 -8.92
C ARG C 202 -6.21 23.50 -9.83
N GLN C 203 -5.05 23.75 -9.21
CA GLN C 203 -3.82 23.94 -9.97
C GLN C 203 -3.13 22.65 -10.36
N SER C 204 -3.08 21.68 -9.45
CA SER C 204 -2.44 20.40 -9.75
C SER C 204 -3.42 19.25 -9.55
N ILE C 205 -3.10 18.11 -10.13
CA ILE C 205 -3.96 16.93 -10.01
C ILE C 205 -4.07 16.42 -8.55
N LYS C 206 -3.15 16.85 -7.69
CA LYS C 206 -3.18 16.45 -6.28
C LYS C 206 -4.24 17.28 -5.57
N GLU C 207 -5.14 17.89 -6.33
CA GLU C 207 -6.17 18.70 -5.73
C GLU C 207 -7.57 18.21 -6.11
N THR C 208 -7.62 17.32 -7.10
CA THR C 208 -8.88 16.75 -7.54
C THR C 208 -9.36 15.80 -6.45
N PRO C 209 -10.69 15.70 -6.26
CA PRO C 209 -11.30 14.83 -5.25
C PRO C 209 -11.05 13.34 -5.46
N CYS C 210 -10.75 12.94 -6.70
CA CYS C 210 -10.47 11.54 -7.00
C CYS C 210 -9.85 11.39 -8.37
N TRP C 211 -8.70 10.72 -8.41
CA TRP C 211 -7.98 10.49 -9.66
C TRP C 211 -7.14 9.21 -9.57
N ILE C 212 -6.40 8.91 -10.64
CA ILE C 212 -5.57 7.71 -10.67
C ILE C 212 -4.29 7.95 -11.50
N GLU C 213 -3.24 7.22 -11.14
CA GLU C 213 -1.95 7.30 -11.82
C GLU C 213 -1.68 5.89 -12.36
N ILE C 214 -1.47 5.81 -13.67
CA ILE C 214 -1.25 4.54 -14.37
C ILE C 214 0.19 4.40 -14.86
N HIS C 215 0.81 3.27 -14.54
CA HIS C 215 2.20 3.03 -14.91
C HIS C 215 2.20 1.96 -15.95
N LEU C 216 2.70 2.27 -17.14
CA LEU C 216 2.76 1.29 -18.22
C LEU C 216 4.03 0.46 -18.08
N HIS C 217 3.84 -0.83 -17.81
CA HIS C 217 4.97 -1.76 -17.63
C HIS C 217 5.96 -1.93 -18.77
N ARG C 218 5.47 -2.14 -19.99
CA ARG C 218 6.35 -2.29 -21.15
C ARG C 218 7.24 -1.05 -21.28
N ALA C 219 6.62 0.13 -21.24
CA ALA C 219 7.33 1.40 -21.29
C ALA C 219 8.40 1.45 -20.21
N LEU C 220 8.11 0.85 -19.06
CA LEU C 220 9.05 0.80 -17.94
C LEU C 220 10.16 -0.21 -18.24
N GLN C 221 9.81 -1.35 -18.84
CA GLN C 221 10.82 -2.37 -19.17
C GLN C 221 11.85 -1.80 -20.14
N LEU C 222 11.36 -1.05 -21.14
CA LEU C 222 12.25 -0.43 -22.11
C LEU C 222 13.12 0.58 -21.38
N LEU C 223 12.53 1.24 -20.38
CA LEU C 223 13.22 2.25 -19.59
C LEU C 223 14.32 1.66 -18.74
N ASP C 224 14.10 0.45 -18.25
CA ASP C 224 15.07 -0.23 -17.42
C ASP C 224 16.30 -0.47 -18.30
N GLU C 225 16.03 -0.78 -19.56
CA GLU C 225 17.09 -1.04 -20.54
C GLU C 225 17.89 0.24 -20.83
N VAL C 226 17.17 1.32 -21.12
CA VAL C 226 17.77 2.62 -21.39
C VAL C 226 18.60 3.13 -20.20
N LEU C 227 18.09 2.94 -18.99
CA LEU C 227 18.78 3.42 -17.80
C LEU C 227 20.17 2.82 -17.63
N HIS C 228 20.34 1.59 -18.11
CA HIS C 228 21.64 0.93 -18.03
C HIS C 228 22.64 1.53 -19.01
N THR C 229 22.13 2.34 -19.94
CA THR C 229 22.98 2.94 -20.96
C THR C 229 23.20 4.42 -20.74
N MET C 230 23.06 4.86 -19.51
CA MET C 230 23.30 6.24 -19.19
C MET C 230 24.52 6.23 -18.30
N PRO C 231 25.69 5.82 -18.86
CA PRO C 231 26.94 5.74 -18.12
C PRO C 231 26.86 6.52 -16.84
N ILE C 232 26.59 5.78 -15.76
CA ILE C 232 26.46 6.32 -14.42
C ILE C 232 27.28 7.59 -14.47
N ALA C 233 28.60 7.42 -14.47
CA ALA C 233 29.54 8.54 -14.56
C ALA C 233 28.90 9.90 -14.29
N ASP C 234 27.93 9.98 -13.38
CA ASP C 234 27.36 11.29 -13.09
C ASP C 234 28.13 11.70 -11.85
N PRO C 235 28.48 12.98 -11.71
CA PRO C 235 29.21 12.84 -10.46
C PRO C 235 28.81 13.40 -9.10
N GLN C 236 28.34 12.44 -8.29
CA GLN C 236 28.07 12.58 -6.91
C GLN C 236 27.42 13.93 -6.82
#